data_5UAE
#
_entry.id   5UAE
#
_cell.length_a   75.432
_cell.length_b   75.432
_cell.length_c   103.061
_cell.angle_alpha   90.00
_cell.angle_beta   90.00
_cell.angle_gamma   120.00
#
_symmetry.space_group_name_H-M   'P 31'
#
loop_
_entity.id
_entity.type
_entity.pdbx_description
1 polymer 'Putative integrase'
2 non-polymer 'CITRATE ANION'
3 water water
#
_entity_poly.entity_id   1
_entity_poly.type   'polypeptide(L)'
_entity_poly.pdbx_seq_one_letter_code
;KEDELDSLNEKLKIEHAKKKRLFDLYINGSYEVSELDSMMNDIDAQINYYEAQIEANEELKK
;
_entity_poly.pdbx_strand_id   A,B,C,D
#
# COMPACT_ATOMS: atom_id res chain seq x y z
N LYS A 1 -21.31 9.18 -23.01
CA LYS A 1 -21.94 10.02 -22.00
C LYS A 1 -21.68 11.50 -22.24
N GLU A 2 -22.42 12.08 -23.19
CA GLU A 2 -22.32 13.50 -23.52
C GLU A 2 -20.88 13.94 -23.81
N ASP A 3 -20.19 13.17 -24.64
CA ASP A 3 -18.81 13.46 -25.07
C ASP A 3 -17.80 13.43 -23.92
N GLU A 4 -18.27 13.07 -22.73
CA GLU A 4 -17.39 12.97 -21.57
C GLU A 4 -16.66 11.62 -21.56
N LEU A 5 -17.11 10.73 -22.44
CA LEU A 5 -16.50 9.41 -22.56
C LEU A 5 -15.26 9.45 -23.45
N ASP A 6 -14.84 10.65 -23.82
CA ASP A 6 -13.58 10.82 -24.53
C ASP A 6 -12.46 10.50 -23.56
N SER A 7 -12.78 10.53 -22.27
CA SER A 7 -11.90 10.13 -21.20
C SER A 7 -11.51 8.66 -21.30
N LEU A 8 -12.38 7.87 -21.94
CA LEU A 8 -12.11 6.45 -22.14
C LEU A 8 -10.87 6.27 -23.02
N ASN A 9 -10.75 7.11 -24.04
CA ASN A 9 -9.58 7.12 -24.90
C ASN A 9 -8.35 7.51 -24.10
N GLU A 10 -8.54 8.40 -23.12
CA GLU A 10 -7.48 8.83 -22.24
C GLU A 10 -7.10 7.71 -21.27
N LYS A 11 -8.10 6.97 -20.81
CA LYS A 11 -7.87 5.82 -19.95
C LYS A 11 -7.09 4.73 -20.68
N LEU A 12 -7.26 4.68 -21.99
CA LEU A 12 -6.54 3.73 -22.83
C LEU A 12 -5.05 4.07 -22.91
N LYS A 13 -4.77 5.36 -23.10
CA LYS A 13 -3.39 5.84 -23.21
C LYS A 13 -2.58 5.57 -21.94
N ILE A 14 -3.26 5.50 -20.81
CA ILE A 14 -2.61 5.17 -19.54
C ILE A 14 -2.08 3.75 -19.54
N GLU A 15 -2.93 2.82 -19.97
CA GLU A 15 -2.55 1.41 -20.06
C GLU A 15 -1.44 1.22 -21.09
N HIS A 16 -1.50 1.98 -22.18
CA HIS A 16 -0.47 1.95 -23.20
C HIS A 16 0.86 2.41 -22.63
N ALA A 17 0.82 3.44 -21.79
CA ALA A 17 2.00 3.95 -21.11
C ALA A 17 2.56 2.89 -20.17
N LYS A 18 1.65 2.23 -19.45
CA LYS A 18 2.00 1.14 -18.56
C LYS A 18 2.72 0.03 -19.30
N LYS A 19 2.18 -0.31 -20.48
CA LYS A 19 2.76 -1.33 -21.34
C LYS A 19 4.20 -1.00 -21.70
N LYS A 20 4.44 0.25 -22.08
CA LYS A 20 5.78 0.71 -22.42
C LYS A 20 6.72 0.67 -21.21
N ARG A 21 6.18 1.01 -20.04
CA ARG A 21 6.95 0.98 -18.80
C ARG A 21 7.35 -0.45 -18.48
N LEU A 22 6.42 -1.39 -18.68
CA LEU A 22 6.69 -2.80 -18.44
C LEU A 22 7.72 -3.36 -19.41
N PHE A 23 7.69 -2.90 -20.64
CA PHE A 23 8.64 -3.36 -21.65
C PHE A 23 10.05 -2.93 -21.31
N ASP A 24 10.17 -1.82 -20.59
CA ASP A 24 11.47 -1.36 -20.10
C ASP A 24 12.08 -2.41 -19.18
N LEU A 25 11.23 -3.05 -18.39
CA LEU A 25 11.65 -4.11 -17.47
C LEU A 25 12.09 -5.36 -18.22
N TYR A 26 11.33 -5.71 -19.26
CA TYR A 26 11.66 -6.85 -20.11
C TYR A 26 13.03 -6.69 -20.73
N ILE A 27 13.28 -5.48 -21.26
CA ILE A 27 14.54 -5.13 -21.90
C ILE A 27 15.71 -5.28 -20.92
N ASN A 28 15.56 -4.68 -19.75
CA ASN A 28 16.56 -4.82 -18.69
C ASN A 28 16.68 -6.25 -18.21
N GLY A 29 15.56 -6.97 -18.25
CA GLY A 29 15.53 -8.34 -17.78
C GLY A 29 15.84 -8.48 -16.30
N SER A 30 16.23 -9.69 -15.89
CA SER A 30 16.57 -10.02 -14.51
C SER A 30 15.37 -9.98 -13.57
N TYR A 31 14.23 -9.52 -14.06
CA TYR A 31 12.96 -9.66 -13.35
C TYR A 31 12.23 -10.84 -13.95
N GLU A 32 11.93 -11.83 -13.11
CA GLU A 32 11.36 -13.11 -13.52
C GLU A 32 10.26 -12.95 -14.57
N VAL A 33 10.50 -13.53 -15.74
CA VAL A 33 9.59 -13.41 -16.88
C VAL A 33 8.16 -13.78 -16.50
N SER A 34 8.02 -14.81 -15.67
CA SER A 34 6.72 -15.21 -15.15
C SER A 34 6.01 -14.07 -14.45
N GLU A 35 6.76 -13.30 -13.66
CA GLU A 35 6.20 -12.16 -12.94
C GLU A 35 5.83 -11.04 -13.91
N LEU A 36 6.69 -10.81 -14.91
CA LEU A 36 6.44 -9.79 -15.91
C LEU A 36 5.28 -10.17 -16.82
N ASP A 37 5.19 -11.46 -17.15
CA ASP A 37 4.16 -11.96 -18.07
C ASP A 37 2.76 -11.81 -17.48
N SER A 38 2.64 -12.02 -16.17
CA SER A 38 1.37 -11.88 -15.49
C SER A 38 0.84 -10.46 -15.62
N MET A 39 1.73 -9.49 -15.42
CA MET A 39 1.39 -8.08 -15.57
C MET A 39 1.05 -7.76 -17.02
N MET A 40 1.78 -8.37 -17.94
CA MET A 40 1.58 -8.16 -19.36
C MET A 40 0.18 -8.60 -19.80
N ASN A 41 -0.26 -9.74 -19.27
CA ASN A 41 -1.59 -10.25 -19.56
C ASN A 41 -2.68 -9.36 -18.99
N ASP A 42 -2.46 -8.84 -17.78
CA ASP A 42 -3.41 -7.97 -17.13
C ASP A 42 -3.62 -6.68 -17.92
N ILE A 43 -2.52 -6.11 -18.42
CA ILE A 43 -2.57 -4.90 -19.22
C ILE A 43 -3.26 -5.14 -20.55
N ASP A 44 -2.84 -6.21 -21.23
CA ASP A 44 -3.44 -6.60 -22.50
C ASP A 44 -4.94 -6.84 -22.36
N ALA A 45 -5.33 -7.37 -21.20
CA ALA A 45 -6.74 -7.59 -20.90
C ALA A 45 -7.49 -6.28 -20.79
N GLN A 46 -6.87 -5.31 -20.12
CA GLN A 46 -7.48 -3.99 -19.93
C GLN A 46 -7.61 -3.25 -21.25
N ILE A 47 -6.58 -3.35 -22.09
CA ILE A 47 -6.59 -2.72 -23.40
C ILE A 47 -7.73 -3.22 -24.25
N ASN A 48 -7.85 -4.55 -24.34
CA ASN A 48 -8.91 -5.19 -25.13
C ASN A 48 -10.31 -4.80 -24.66
N TYR A 49 -10.49 -4.71 -23.35
CA TYR A 49 -11.78 -4.30 -22.80
C TYR A 49 -12.11 -2.87 -23.21
N TYR A 50 -11.19 -1.95 -22.94
CA TYR A 50 -11.36 -0.56 -23.29
C TYR A 50 -11.47 -0.35 -24.80
N GLU A 51 -10.72 -1.13 -25.56
CA GLU A 51 -10.79 -1.07 -27.02
C GLU A 51 -12.19 -1.47 -27.50
N ALA A 52 -12.73 -2.53 -26.92
CA ALA A 52 -14.06 -3.01 -27.27
C ALA A 52 -15.12 -1.99 -26.86
N GLN A 53 -14.87 -1.32 -25.74
CA GLN A 53 -15.76 -0.28 -25.25
C GLN A 53 -15.80 0.91 -26.19
N ILE A 54 -14.64 1.26 -26.75
CA ILE A 54 -14.51 2.39 -27.67
C ILE A 54 -15.31 2.20 -28.96
N GLU A 55 -15.07 1.06 -29.62
CA GLU A 55 -15.71 0.77 -30.90
C GLU A 55 -17.22 0.65 -30.75
N ALA A 56 -17.67 0.26 -29.56
CA ALA A 56 -19.09 0.14 -29.29
C ALA A 56 -19.75 1.52 -29.30
N ASN A 57 -19.08 2.48 -28.68
CA ASN A 57 -19.59 3.85 -28.60
C ASN A 57 -19.47 4.57 -29.95
N GLU A 58 -18.36 4.35 -30.64
CA GLU A 58 -18.17 4.95 -31.96
C GLU A 58 -19.17 4.40 -32.95
N GLU A 59 -19.62 3.17 -32.71
CA GLU A 59 -20.67 2.55 -33.52
C GLU A 59 -22.02 3.20 -33.19
N LEU A 60 -22.19 3.58 -31.93
CA LEU A 60 -23.45 4.15 -31.45
C LEU A 60 -23.68 5.58 -31.92
N LYS A 61 -22.64 6.21 -32.48
CA LYS A 61 -22.81 7.52 -33.09
C LYS A 61 -23.82 7.39 -34.22
N LYS A 62 -23.41 6.68 -35.27
CA LYS A 62 -24.32 6.14 -36.28
C LYS A 62 -23.52 5.37 -37.32
N GLU B 4 10.22 -16.60 16.85
CA GLU B 4 9.24 -17.59 16.41
C GLU B 4 9.18 -17.69 14.89
N LEU B 5 9.10 -18.92 14.39
CA LEU B 5 9.10 -19.20 12.96
C LEU B 5 8.00 -18.49 12.19
N ASP B 6 6.76 -18.63 12.64
CA ASP B 6 5.62 -18.07 11.92
C ASP B 6 5.69 -16.55 11.90
N SER B 7 6.33 -15.98 12.91
CA SER B 7 6.55 -14.53 12.94
C SER B 7 7.46 -14.13 11.80
N LEU B 8 8.41 -15.01 11.47
CA LEU B 8 9.30 -14.80 10.34
C LEU B 8 8.57 -15.04 9.03
N ASN B 9 7.60 -15.95 9.07
CA ASN B 9 6.88 -16.36 7.86
C ASN B 9 6.01 -15.24 7.28
N GLU B 10 5.41 -14.44 8.15
CA GLU B 10 4.52 -13.39 7.67
C GLU B 10 5.29 -12.10 7.39
N LYS B 11 6.42 -11.92 8.07
CA LYS B 11 7.33 -10.83 7.74
C LYS B 11 7.90 -11.08 6.34
N LEU B 12 8.02 -12.36 6.01
CA LEU B 12 8.48 -12.80 4.70
C LEU B 12 7.54 -12.35 3.59
N LYS B 13 6.26 -12.66 3.74
CA LYS B 13 5.28 -12.38 2.70
C LYS B 13 4.93 -10.90 2.63
N ILE B 14 5.33 -10.16 3.67
CA ILE B 14 5.24 -8.70 3.65
C ILE B 14 6.21 -8.15 2.62
N GLU B 15 7.41 -8.71 2.63
CA GLU B 15 8.45 -8.36 1.67
C GLU B 15 7.98 -8.68 0.25
N HIS B 16 7.27 -9.79 0.10
CA HIS B 16 6.68 -10.18 -1.18
C HIS B 16 5.62 -9.17 -1.61
N ALA B 17 4.79 -8.77 -0.66
CA ALA B 17 3.76 -7.77 -0.91
C ALA B 17 4.41 -6.45 -1.30
N LYS B 18 5.54 -6.14 -0.68
CA LYS B 18 6.30 -4.95 -1.02
C LYS B 18 6.82 -5.06 -2.46
N LYS B 19 7.24 -6.25 -2.85
CA LYS B 19 7.75 -6.48 -4.19
C LYS B 19 6.66 -6.27 -5.25
N LYS B 20 5.49 -6.86 -5.02
CA LYS B 20 4.36 -6.70 -5.94
C LYS B 20 3.92 -5.23 -6.01
N ARG B 21 3.80 -4.60 -4.84
CA ARG B 21 3.38 -3.21 -4.76
C ARG B 21 4.35 -2.29 -5.48
N LEU B 22 5.64 -2.57 -5.34
CA LEU B 22 6.69 -1.79 -6.00
C LEU B 22 6.56 -1.88 -7.51
N PHE B 23 6.25 -3.09 -7.99
CA PHE B 23 6.00 -3.32 -9.41
C PHE B 23 4.85 -2.45 -9.91
N ASP B 24 3.77 -2.43 -9.15
CA ASP B 24 2.58 -1.62 -9.46
C ASP B 24 2.94 -0.15 -9.59
N LEU B 25 3.74 0.33 -8.66
CA LEU B 25 4.13 1.75 -8.61
C LEU B 25 4.94 2.18 -9.84
N TYR B 26 5.95 1.41 -10.19
CA TYR B 26 6.79 1.75 -11.33
C TYR B 26 5.98 1.78 -12.62
N ILE B 27 5.15 0.76 -12.81
CA ILE B 27 4.30 0.63 -13.99
C ILE B 27 3.44 1.87 -14.19
N ASN B 28 3.01 2.46 -13.07
CA ASN B 28 2.23 3.69 -13.11
C ASN B 28 3.11 4.94 -13.19
N GLY B 29 4.39 4.73 -13.49
CA GLY B 29 5.31 5.83 -13.71
C GLY B 29 5.72 6.62 -12.48
N SER B 30 5.73 5.96 -11.32
CA SER B 30 6.09 6.63 -10.08
C SER B 30 7.60 6.64 -9.83
N TYR B 31 8.29 5.61 -10.32
CA TYR B 31 9.73 5.50 -10.10
C TYR B 31 10.50 5.37 -11.40
N GLU B 32 11.78 5.75 -11.36
CA GLU B 32 12.69 5.56 -12.48
C GLU B 32 13.37 4.19 -12.37
N VAL B 33 13.66 3.60 -13.52
CA VAL B 33 14.31 2.29 -13.63
C VAL B 33 15.47 2.07 -12.66
N SER B 34 16.42 3.00 -12.64
CA SER B 34 17.64 2.85 -11.83
C SER B 34 17.34 2.67 -10.35
N GLU B 35 16.37 3.46 -9.85
CA GLU B 35 15.96 3.36 -8.46
C GLU B 35 15.36 2.00 -8.15
N LEU B 36 14.51 1.53 -9.06
CA LEU B 36 13.78 0.28 -8.89
C LEU B 36 14.71 -0.90 -8.61
N ASP B 37 15.77 -1.01 -9.41
CA ASP B 37 16.75 -2.08 -9.26
C ASP B 37 17.33 -2.11 -7.85
N SER B 38 17.76 -0.95 -7.38
CA SER B 38 18.33 -0.82 -6.05
C SER B 38 17.33 -1.23 -4.96
N MET B 39 16.12 -0.69 -5.06
CA MET B 39 15.07 -0.98 -4.08
C MET B 39 14.66 -2.45 -4.16
N MET B 40 14.70 -3.03 -5.35
CA MET B 40 14.42 -4.44 -5.52
C MET B 40 15.48 -5.29 -4.84
N ASN B 41 16.74 -4.92 -5.04
CA ASN B 41 17.85 -5.60 -4.40
C ASN B 41 17.77 -5.53 -2.88
N ASP B 42 17.33 -4.37 -2.38
CA ASP B 42 17.17 -4.17 -0.94
C ASP B 42 16.14 -5.12 -0.37
N ILE B 43 15.03 -5.30 -1.09
CA ILE B 43 13.98 -6.23 -0.69
C ILE B 43 14.46 -7.67 -0.83
N ASP B 44 15.12 -7.96 -1.95
CA ASP B 44 15.70 -9.27 -2.21
C ASP B 44 16.65 -9.69 -1.10
N ALA B 45 17.43 -8.73 -0.62
CA ALA B 45 18.40 -8.99 0.43
C ALA B 45 17.72 -9.35 1.75
N GLN B 46 16.67 -8.61 2.09
CA GLN B 46 15.94 -8.84 3.32
C GLN B 46 15.19 -10.17 3.29
N ILE B 47 14.74 -10.57 2.10
CA ILE B 47 14.08 -11.85 1.92
C ILE B 47 15.07 -12.97 2.19
N ASN B 48 16.29 -12.81 1.70
CA ASN B 48 17.37 -13.76 1.93
C ASN B 48 17.67 -13.92 3.41
N TYR B 49 17.62 -12.82 4.15
CA TYR B 49 17.81 -12.85 5.59
C TYR B 49 16.72 -13.66 6.26
N TYR B 50 15.47 -13.38 5.89
CA TYR B 50 14.32 -14.07 6.47
C TYR B 50 14.36 -15.55 6.14
N GLU B 51 14.68 -15.87 4.89
CA GLU B 51 14.80 -17.25 4.44
C GLU B 51 15.87 -18.00 5.23
N ALA B 52 16.98 -17.32 5.49
CA ALA B 52 18.10 -17.90 6.23
C ALA B 52 17.67 -18.28 7.64
N GLN B 53 16.78 -17.48 8.22
CA GLN B 53 16.26 -17.73 9.55
C GLN B 53 15.44 -19.02 9.57
N ILE B 54 14.71 -19.25 8.49
CA ILE B 54 13.90 -20.46 8.34
C ILE B 54 14.78 -21.69 8.16
N GLU B 55 15.88 -21.53 7.43
CA GLU B 55 16.84 -22.60 7.25
C GLU B 55 17.59 -22.88 8.55
N ALA B 56 17.67 -21.85 9.40
CA ALA B 56 18.35 -21.97 10.68
C ALA B 56 17.60 -22.90 11.63
N ASN B 57 16.38 -22.51 12.02
CA ASN B 57 15.62 -23.31 12.96
C ASN B 57 15.09 -24.62 12.34
N GLU B 58 15.99 -25.57 12.17
CA GLU B 58 15.63 -26.89 11.67
C GLU B 58 15.38 -27.84 12.83
N GLU B 59 15.59 -27.33 14.04
CA GLU B 59 15.44 -28.10 15.27
C GLU B 59 13.97 -28.38 15.57
N GLU C 2 -30.68 -7.41 1.38
CA GLU C 2 -30.03 -8.67 1.07
C GLU C 2 -29.41 -8.65 -0.31
N ASP C 3 -30.24 -8.42 -1.32
CA ASP C 3 -29.79 -8.42 -2.71
C ASP C 3 -28.89 -7.24 -3.04
N GLU C 4 -29.18 -6.09 -2.43
CA GLU C 4 -28.42 -4.87 -2.71
C GLU C 4 -27.25 -4.69 -1.76
N LEU C 5 -27.18 -5.55 -0.73
CA LEU C 5 -26.15 -5.45 0.29
C LEU C 5 -24.77 -5.79 -0.24
N ASP C 6 -24.74 -6.51 -1.37
CA ASP C 6 -23.48 -6.97 -1.95
C ASP C 6 -22.79 -5.85 -2.71
N SER C 7 -23.58 -4.95 -3.31
CA SER C 7 -23.03 -3.78 -3.98
C SER C 7 -22.41 -2.84 -2.95
N LEU C 8 -22.91 -2.92 -1.72
CA LEU C 8 -22.35 -2.17 -0.61
C LEU C 8 -21.07 -2.86 -0.12
N ASN C 9 -20.92 -4.13 -0.48
CA ASN C 9 -19.84 -4.94 0.07
C ASN C 9 -18.49 -4.86 -0.66
N GLU C 10 -18.42 -4.10 -1.75
CA GLU C 10 -17.09 -3.79 -2.27
C GLU C 10 -16.63 -2.47 -1.70
N LYS C 11 -17.02 -2.23 -0.46
CA LYS C 11 -16.32 -1.28 0.41
C LYS C 11 -15.02 -1.97 0.79
N LEU C 12 -14.98 -3.27 0.55
CA LEU C 12 -13.76 -4.07 0.59
C LEU C 12 -12.69 -3.49 -0.33
N LYS C 13 -13.14 -2.95 -1.47
CA LYS C 13 -12.22 -2.36 -2.43
C LYS C 13 -11.51 -1.15 -1.83
N ILE C 14 -12.17 -0.51 -0.86
CA ILE C 14 -11.56 0.59 -0.11
C ILE C 14 -10.48 0.05 0.82
N GLU C 15 -10.77 -1.08 1.46
CA GLU C 15 -9.82 -1.72 2.38
C GLU C 15 -8.58 -2.16 1.62
N HIS C 16 -8.78 -2.57 0.37
CA HIS C 16 -7.69 -2.91 -0.53
C HIS C 16 -6.77 -1.71 -0.72
N ALA C 17 -7.37 -0.54 -0.93
CA ALA C 17 -6.63 0.69 -1.12
C ALA C 17 -5.85 1.05 0.13
N LYS C 18 -6.44 0.80 1.29
CA LYS C 18 -5.78 1.03 2.57
C LYS C 18 -4.51 0.21 2.68
N LYS C 19 -4.60 -1.06 2.27
CA LYS C 19 -3.46 -1.97 2.33
C LYS C 19 -2.36 -1.53 1.37
N LYS C 20 -2.75 -1.05 0.20
CA LYS C 20 -1.79 -0.59 -0.80
C LYS C 20 -0.99 0.61 -0.31
N ARG C 21 -1.68 1.59 0.28
CA ARG C 21 -1.02 2.79 0.79
C ARG C 21 -0.12 2.45 1.97
N LEU C 22 -0.53 1.45 2.74
CA LEU C 22 0.26 1.00 3.89
C LEU C 22 1.59 0.42 3.44
N PHE C 23 1.56 -0.27 2.30
CA PHE C 23 2.76 -0.85 1.73
C PHE C 23 3.81 0.21 1.40
N ASP C 24 3.33 1.37 0.97
CA ASP C 24 4.20 2.49 0.65
C ASP C 24 5.07 2.86 1.84
N LEU C 25 4.47 2.82 3.03
CA LEU C 25 5.18 3.14 4.27
C LEU C 25 6.29 2.12 4.53
N TYR C 26 5.98 0.85 4.34
CA TYR C 26 6.99 -0.21 4.43
C TYR C 26 8.10 0.03 3.42
N ILE C 27 7.70 0.36 2.20
CA ILE C 27 8.64 0.62 1.11
C ILE C 27 9.49 1.85 1.38
N ASN C 28 8.83 2.95 1.73
CA ASN C 28 9.50 4.20 2.07
C ASN C 28 10.49 4.02 3.22
N GLY C 29 10.12 3.18 4.18
CA GLY C 29 10.92 3.01 5.38
C GLY C 29 10.79 4.20 6.31
N SER C 30 11.72 4.30 7.27
CA SER C 30 11.70 5.37 8.28
C SER C 30 10.38 5.42 9.04
N TYR C 31 9.84 4.25 9.38
CA TYR C 31 8.62 4.17 10.18
C TYR C 31 8.65 2.93 11.07
N GLU C 32 8.04 3.03 12.25
CA GLU C 32 7.96 1.92 13.18
C GLU C 32 7.16 0.77 12.58
N VAL C 33 7.86 -0.29 12.19
CA VAL C 33 7.25 -1.47 11.60
C VAL C 33 6.17 -2.06 12.50
N SER C 34 6.43 -2.03 13.80
CA SER C 34 5.50 -2.52 14.81
C SER C 34 4.10 -1.93 14.68
N GLU C 35 4.03 -0.60 14.53
CA GLU C 35 2.75 0.08 14.42
C GLU C 35 2.11 -0.20 13.06
N LEU C 36 2.95 -0.37 12.04
CA LEU C 36 2.48 -0.69 10.70
C LEU C 36 1.81 -2.07 10.68
N ASP C 37 2.48 -3.03 11.31
CA ASP C 37 1.96 -4.40 11.37
C ASP C 37 0.66 -4.47 12.17
N SER C 38 0.56 -3.62 13.18
CA SER C 38 -0.65 -3.53 13.98
C SER C 38 -1.84 -3.13 13.09
N MET C 39 -1.62 -2.15 12.23
CA MET C 39 -2.64 -1.71 11.30
C MET C 39 -2.86 -2.74 10.20
N MET C 40 -1.80 -3.46 9.87
CA MET C 40 -1.87 -4.52 8.86
C MET C 40 -2.85 -5.61 9.29
N ASN C 41 -2.75 -6.01 10.55
CA ASN C 41 -3.65 -7.01 11.10
C ASN C 41 -5.09 -6.50 11.17
N ASP C 42 -5.24 -5.21 11.43
CA ASP C 42 -6.57 -4.60 11.53
C ASP C 42 -7.27 -4.55 10.18
N ILE C 43 -6.54 -4.12 9.16
CA ILE C 43 -7.09 -4.04 7.80
C ILE C 43 -7.41 -5.43 7.26
N ASP C 44 -6.48 -6.36 7.42
CA ASP C 44 -6.67 -7.73 6.98
C ASP C 44 -7.89 -8.36 7.64
N ALA C 45 -8.14 -7.98 8.89
CA ALA C 45 -9.30 -8.45 9.63
C ALA C 45 -10.59 -7.96 9.00
N GLN C 46 -10.61 -6.66 8.69
CA GLN C 46 -11.76 -6.04 8.02
C GLN C 46 -11.99 -6.68 6.65
N ILE C 47 -10.91 -7.01 5.96
CA ILE C 47 -10.98 -7.65 4.66
C ILE C 47 -11.62 -9.04 4.77
N ASN C 48 -11.15 -9.82 5.74
CA ASN C 48 -11.69 -11.15 5.95
C ASN C 48 -13.17 -11.14 6.29
N TYR C 49 -13.57 -10.21 7.15
CA TYR C 49 -14.97 -10.07 7.52
C TYR C 49 -15.81 -9.74 6.29
N TYR C 50 -15.38 -8.75 5.52
CA TYR C 50 -16.06 -8.35 4.30
C TYR C 50 -16.13 -9.48 3.30
N GLU C 51 -15.01 -10.20 3.16
CA GLU C 51 -14.93 -11.34 2.24
C GLU C 51 -15.83 -12.48 2.69
N ALA C 52 -15.85 -12.73 3.99
CA ALA C 52 -16.70 -13.78 4.55
C ALA C 52 -18.18 -13.48 4.32
N GLN C 53 -18.53 -12.20 4.44
CA GLN C 53 -19.91 -11.77 4.23
C GLN C 53 -20.32 -11.95 2.77
N ILE C 54 -19.40 -11.65 1.86
CA ILE C 54 -19.64 -11.78 0.41
C ILE C 54 -20.01 -13.20 0.03
N GLU C 55 -19.22 -14.16 0.52
CA GLU C 55 -19.47 -15.57 0.26
C GLU C 55 -20.84 -15.99 0.76
N ALA C 56 -21.25 -15.42 1.89
CA ALA C 56 -22.52 -15.74 2.52
C ALA C 56 -23.71 -15.30 1.67
N ASN C 57 -23.68 -14.05 1.23
CA ASN C 57 -24.80 -13.46 0.51
C ASN C 57 -25.09 -14.12 -0.85
N GLU C 58 -24.05 -14.69 -1.46
CA GLU C 58 -24.17 -15.22 -2.81
C GLU C 58 -24.84 -16.59 -2.87
N GLU C 59 -24.71 -17.37 -1.79
CA GLU C 59 -25.21 -18.74 -1.76
C GLU C 59 -26.74 -18.82 -1.74
N LEU C 60 -27.37 -17.85 -1.08
CA LEU C 60 -28.81 -17.82 -0.89
C LEU C 60 -29.61 -17.94 -2.19
N LYS C 61 -29.34 -17.04 -3.14
CA LYS C 61 -30.05 -17.07 -4.42
C LYS C 61 -29.10 -17.46 -5.55
N LYS C 62 -29.45 -18.55 -6.23
CA LYS C 62 -28.65 -19.11 -7.33
C LYS C 62 -27.24 -19.47 -6.87
N ASP D 3 6.61 19.57 39.24
CA ASP D 3 5.61 19.36 40.29
C ASP D 3 4.26 19.00 39.69
N GLU D 4 3.42 20.01 39.50
CA GLU D 4 2.08 19.81 38.96
C GLU D 4 2.10 20.04 37.44
N LEU D 5 3.30 20.05 36.88
CA LEU D 5 3.47 20.20 35.44
C LEU D 5 3.36 18.84 34.75
N ASP D 6 2.50 17.98 35.28
CA ASP D 6 2.24 16.69 34.66
C ASP D 6 1.33 16.88 33.45
N SER D 7 0.81 18.09 33.30
CA SER D 7 0.07 18.50 32.12
C SER D 7 0.99 18.50 30.91
N LEU D 8 2.28 18.72 31.17
CA LEU D 8 3.30 18.62 30.14
C LEU D 8 3.37 17.19 29.62
N ASN D 9 3.22 16.24 30.54
CA ASN D 9 3.15 14.83 30.19
C ASN D 9 1.89 14.53 29.39
N GLU D 10 0.82 15.29 29.67
CA GLU D 10 -0.43 15.13 28.94
C GLU D 10 -0.33 15.68 27.53
N LYS D 11 0.46 16.75 27.36
CA LYS D 11 0.70 17.32 26.04
C LYS D 11 1.38 16.28 25.15
N LEU D 12 2.19 15.42 25.75
CA LEU D 12 2.85 14.34 25.05
C LEU D 12 1.83 13.33 24.53
N LYS D 13 0.87 12.98 25.38
CA LYS D 13 -0.19 12.04 25.01
C LYS D 13 -0.97 12.52 23.80
N ILE D 14 -1.22 13.83 23.73
CA ILE D 14 -1.96 14.42 22.62
C ILE D 14 -1.21 14.29 21.32
N GLU D 15 0.06 14.66 21.32
CA GLU D 15 0.90 14.61 20.12
C GLU D 15 1.02 13.17 19.63
N HIS D 16 1.00 12.22 20.56
CA HIS D 16 1.02 10.80 20.21
C HIS D 16 -0.26 10.40 19.50
N ALA D 17 -1.40 10.84 20.05
CA ALA D 17 -2.70 10.53 19.47
C ALA D 17 -2.87 11.24 18.14
N LYS D 18 -2.21 12.40 18.00
CA LYS D 18 -2.20 13.13 16.74
C LYS D 18 -1.54 12.29 15.65
N LYS D 19 -0.45 11.63 16.01
CA LYS D 19 0.31 10.82 15.08
C LYS D 19 -0.49 9.65 14.54
N LYS D 20 -1.19 8.95 15.44
CA LYS D 20 -2.01 7.82 15.04
C LYS D 20 -3.18 8.29 14.18
N ARG D 21 -3.76 9.42 14.54
CA ARG D 21 -4.81 10.05 13.75
C ARG D 21 -4.29 10.43 12.37
N LEU D 22 -3.07 10.95 12.34
CA LEU D 22 -2.41 11.33 11.10
C LEU D 22 -2.18 10.11 10.22
N PHE D 23 -1.80 9.01 10.85
CA PHE D 23 -1.65 7.73 10.16
C PHE D 23 -2.95 7.32 9.50
N ASP D 24 -4.03 7.35 10.27
CA ASP D 24 -5.37 7.03 9.79
C ASP D 24 -5.75 7.88 8.58
N LEU D 25 -5.40 9.17 8.66
CA LEU D 25 -5.70 10.11 7.59
C LEU D 25 -5.00 9.73 6.28
N TYR D 26 -3.72 9.36 6.37
CA TYR D 26 -2.99 8.91 5.19
C TYR D 26 -3.62 7.63 4.65
N ILE D 27 -3.95 6.73 5.55
CA ILE D 27 -4.58 5.46 5.19
C ILE D 27 -5.89 5.69 4.45
N ASN D 28 -6.52 6.83 4.71
CA ASN D 28 -7.72 7.23 3.97
C ASN D 28 -7.44 8.37 3.02
N GLY D 29 -6.46 8.16 2.13
CA GLY D 29 -6.10 9.16 1.14
C GLY D 29 -5.58 10.44 1.76
N SER D 30 -6.18 11.57 1.39
CA SER D 30 -5.86 12.90 1.94
C SER D 30 -4.40 13.32 1.77
N TYR D 31 -3.46 12.50 2.22
CA TYR D 31 -2.05 12.89 2.23
C TYR D 31 -1.16 11.96 1.42
N GLU D 32 -0.15 12.55 0.78
CA GLU D 32 0.88 11.79 0.09
C GLU D 32 1.95 11.40 1.10
N VAL D 33 2.72 10.36 0.79
CA VAL D 33 3.78 9.86 1.67
C VAL D 33 4.77 10.97 2.01
N SER D 34 5.16 11.74 1.00
CA SER D 34 6.09 12.85 1.18
C SER D 34 5.53 13.87 2.15
N GLU D 35 4.23 14.17 2.00
CA GLU D 35 3.53 15.09 2.89
C GLU D 35 3.50 14.53 4.31
N LEU D 36 3.30 13.22 4.41
CA LEU D 36 3.24 12.55 5.71
C LEU D 36 4.55 12.70 6.45
N ASP D 37 5.66 12.43 5.77
CA ASP D 37 7.00 12.53 6.35
C ASP D 37 7.25 13.90 6.96
N SER D 38 6.90 14.95 6.21
CA SER D 38 7.08 16.32 6.66
C SER D 38 6.32 16.61 7.95
N MET D 39 5.05 16.21 7.98
CA MET D 39 4.22 16.45 9.15
C MET D 39 4.63 15.54 10.32
N MET D 40 5.04 14.32 9.99
CA MET D 40 5.52 13.38 11.02
C MET D 40 6.80 13.90 11.65
N ASN D 41 7.63 14.56 10.85
CA ASN D 41 8.86 15.17 11.33
C ASN D 41 8.60 16.22 12.40
N ASP D 42 7.62 17.08 12.13
CA ASP D 42 7.27 18.17 13.03
C ASP D 42 6.67 17.68 14.35
N ILE D 43 5.83 16.66 14.26
CA ILE D 43 5.11 16.14 15.42
C ILE D 43 6.04 15.47 16.43
N ASP D 44 6.83 14.51 15.97
CA ASP D 44 7.71 13.75 16.85
C ASP D 44 8.90 14.58 17.33
N ALA D 45 9.19 15.65 16.61
CA ALA D 45 10.21 16.59 17.06
C ALA D 45 9.78 17.19 18.38
N GLN D 46 8.49 17.51 18.48
CA GLN D 46 7.91 17.97 19.73
C GLN D 46 7.90 16.85 20.77
N ILE D 47 7.59 15.63 20.32
CA ILE D 47 7.52 14.48 21.21
C ILE D 47 8.80 14.31 22.03
N ASN D 48 9.94 14.35 21.34
CA ASN D 48 11.22 14.30 22.01
C ASN D 48 11.43 15.53 22.87
N TYR D 49 10.97 16.68 22.36
CA TYR D 49 11.04 17.93 23.12
C TYR D 49 10.28 17.81 24.43
N TYR D 50 9.01 17.41 24.34
CA TYR D 50 8.17 17.24 25.52
C TYR D 50 8.80 16.24 26.49
N GLU D 51 9.29 15.13 25.95
CA GLU D 51 9.93 14.09 26.76
C GLU D 51 11.24 14.59 27.36
N ALA D 52 11.95 15.45 26.65
CA ALA D 52 13.19 16.03 27.16
C ALA D 52 12.89 17.01 28.28
N GLN D 53 11.85 17.82 28.07
CA GLN D 53 11.42 18.81 29.06
C GLN D 53 11.01 18.14 30.37
N ILE D 54 10.40 16.96 30.27
CA ILE D 54 9.99 16.20 31.44
C ILE D 54 11.20 15.75 32.24
N GLU D 55 12.17 15.14 31.56
CA GLU D 55 13.39 14.64 32.20
C GLU D 55 14.11 15.73 33.01
N ALA D 56 14.07 16.96 32.50
CA ALA D 56 14.68 18.09 33.18
C ALA D 56 14.01 18.35 34.52
N ASN D 57 12.67 18.34 34.51
CA ASN D 57 11.90 18.52 35.74
C ASN D 57 12.11 17.37 36.71
N GLU D 58 12.44 16.20 36.18
CA GLU D 58 12.64 15.01 37.00
C GLU D 58 13.96 15.08 37.77
N GLU D 59 14.89 15.89 37.28
CA GLU D 59 16.25 15.89 37.79
C GLU D 59 16.48 16.94 38.89
N LEU D 60 15.39 17.56 39.35
CA LEU D 60 15.49 18.64 40.34
C LEU D 60 16.25 18.26 41.64
N LYS D 61 15.93 17.16 42.33
CA LYS D 61 14.80 16.25 42.07
C LYS D 61 13.62 16.60 42.98
#